data_3OTL
#
_entry.id   3OTL
#
_cell.length_a   82.350
_cell.length_b   82.350
_cell.length_c   116.460
_cell.angle_alpha   90.00
_cell.angle_beta   90.00
_cell.angle_gamma   90.00
#
_symmetry.space_group_name_H-M   'P 43 21 2'
#
loop_
_entity.id
_entity.type
_entity.pdbx_description
1 polymer 'Putative uncharacterized protein'
2 non-polymer '2-(N-MORPHOLINO)-ETHANESULFONIC ACID'
3 non-polymer DI(HYDROXYETHYL)ETHER
4 water water
#
_entity_poly.entity_id   1
_entity_poly.type   'polypeptide(L)'
_entity_poly.pdbx_seq_one_letter_code
;(MSE)TIRSAEHATLVIERHLKAPIARVFRAWSAPEAKRQWFACHGEWQALDYGLDFRPGGTERNYVADTDGLLHAYDAH
YIDIVPNARIIYAYE(MSE)KLGETRISASLTTVAFEAEPGGTK(MSE)VFTEQVVFLDGYADNGARLQGTEIGLDNLEL
FLEREESPIH
;
_entity_poly.pdbx_strand_id   A,B
#
# COMPACT_ATOMS: atom_id res chain seq x y z
N THR A 2 -12.78 -17.73 -6.85
CA THR A 2 -12.78 -18.59 -8.03
C THR A 2 -11.81 -18.07 -9.09
N ILE A 3 -12.32 -17.27 -10.01
CA ILE A 3 -11.48 -16.64 -11.04
C ILE A 3 -10.71 -15.45 -10.45
N ARG A 4 -9.39 -15.60 -10.32
CA ARG A 4 -8.57 -14.55 -9.74
C ARG A 4 -8.20 -13.50 -10.78
N SER A 5 -8.34 -12.22 -10.42
CA SER A 5 -7.92 -11.15 -11.31
C SER A 5 -7.62 -9.92 -10.50
N ALA A 6 -6.93 -8.97 -11.12
CA ALA A 6 -6.56 -7.73 -10.45
C ALA A 6 -6.63 -6.58 -11.45
N GLU A 7 -7.27 -5.49 -11.05
CA GLU A 7 -7.35 -4.30 -11.90
C GLU A 7 -6.81 -3.11 -11.12
N HIS A 8 -5.82 -2.43 -11.69
CA HIS A 8 -5.14 -1.34 -11.00
C HIS A 8 -5.62 0.01 -11.50
N ALA A 9 -5.66 0.99 -10.60
CA ALA A 9 -6.06 2.33 -11.01
C ALA A 9 -5.40 3.33 -10.09
N THR A 10 -5.33 4.56 -10.53
CA THR A 10 -4.86 5.66 -9.70
C THR A 10 -5.88 6.80 -9.77
N LEU A 11 -6.49 7.11 -8.63
CA LEU A 11 -7.51 8.16 -8.54
C LEU A 11 -6.85 9.37 -7.91
N VAL A 12 -7.09 10.57 -8.44
CA VAL A 12 -6.56 11.78 -7.83
C VAL A 12 -7.69 12.76 -7.53
N ILE A 13 -7.77 13.21 -6.28
CA ILE A 13 -8.77 14.20 -5.89
C ILE A 13 -8.06 15.43 -5.33
N GLU A 14 -8.47 16.62 -5.76
CA GLU A 14 -7.94 17.83 -5.16
C GLU A 14 -9.10 18.61 -4.56
N ARG A 15 -9.09 18.79 -3.25
CA ARG A 15 -10.15 19.50 -2.55
C ARG A 15 -9.54 20.71 -1.88
N HIS A 16 -10.26 21.83 -1.89
CA HIS A 16 -9.79 22.99 -1.16
C HIS A 16 -10.74 23.28 0.00
N LEU A 17 -10.18 23.46 1.19
CA LEU A 17 -10.99 23.70 2.38
C LEU A 17 -10.74 25.08 2.96
N LYS A 18 -11.80 25.71 3.48
CA LYS A 18 -11.68 27.02 4.11
C LYS A 18 -11.33 26.86 5.58
N ALA A 19 -10.23 26.17 5.84
CA ALA A 19 -9.74 25.97 7.20
C ALA A 19 -8.22 25.95 7.12
N PRO A 20 -7.54 26.37 8.18
CA PRO A 20 -6.08 26.42 8.13
C PRO A 20 -5.49 25.03 8.23
N ILE A 21 -4.26 24.87 7.74
CA ILE A 21 -3.67 23.55 7.56
C ILE A 21 -3.56 22.74 8.86
N ALA A 22 -3.18 23.39 9.94
CA ALA A 22 -3.03 22.67 11.21
C ALA A 22 -4.37 22.10 11.66
N ARG A 23 -5.43 22.86 11.46
CA ARG A 23 -6.77 22.38 11.87
C ARG A 23 -7.30 21.25 10.98
N VAL A 24 -7.07 21.36 9.67
CA VAL A 24 -7.43 20.29 8.75
C VAL A 24 -6.67 19.02 9.13
N PHE A 25 -5.36 19.17 9.35
CA PHE A 25 -4.53 18.00 9.66
C PHE A 25 -4.97 17.38 10.98
N ARG A 26 -5.34 18.22 11.93
CA ARG A 26 -5.78 17.74 13.24
C ARG A 26 -7.03 16.86 13.10
N ALA A 27 -7.89 17.15 12.14
CA ALA A 27 -9.07 16.32 11.91
C ALA A 27 -8.70 14.93 11.42
N TRP A 28 -7.48 14.74 10.94
CA TRP A 28 -7.01 13.41 10.54
C TRP A 28 -6.19 12.73 11.63
N SER A 29 -5.47 13.51 12.42
CA SER A 29 -4.52 12.94 13.39
C SER A 29 -5.15 12.57 14.74
N ALA A 30 -6.26 13.20 15.08
CA ALA A 30 -6.91 12.94 16.37
C ALA A 30 -8.06 11.95 16.23
N PRO A 31 -7.90 10.76 16.83
CA PRO A 31 -8.91 9.71 16.71
C PRO A 31 -10.33 10.20 16.98
N GLU A 32 -10.51 11.04 18.00
CA GLU A 32 -11.87 11.48 18.33
C GLU A 32 -12.41 12.48 17.34
N ALA A 33 -11.52 13.19 16.64
CA ALA A 33 -11.96 14.05 15.56
C ALA A 33 -12.30 13.21 14.32
N LYS A 34 -11.40 12.31 13.94
CA LYS A 34 -11.62 11.57 12.72
C LYS A 34 -12.86 10.69 12.81
N ARG A 35 -13.10 10.10 13.97
CA ARG A 35 -14.29 9.29 14.18
C ARG A 35 -15.55 10.08 13.80
N GLN A 36 -15.60 11.35 14.20
CA GLN A 36 -16.80 12.15 13.97
C GLN A 36 -17.12 12.34 12.49
N TRP A 37 -16.12 12.44 11.63
CA TRP A 37 -16.43 12.65 10.21
C TRP A 37 -16.25 11.42 9.34
N PHE A 38 -15.41 10.50 9.77
CA PHE A 38 -15.04 9.36 8.94
C PHE A 38 -15.83 8.11 9.29
N ALA A 39 -16.27 8.02 10.53
CA ALA A 39 -16.95 6.80 11.00
C ALA A 39 -18.43 7.06 11.26
N CYS A 40 -19.13 7.52 10.24
CA CYS A 40 -20.57 7.69 10.32
C CYS A 40 -21.22 7.34 8.98
N HIS A 41 -22.50 7.00 9.03
CA HIS A 41 -23.24 6.67 7.82
C HIS A 41 -24.69 7.10 8.02
N GLY A 42 -25.12 7.10 9.27
CA GLY A 42 -26.50 7.34 9.58
C GLY A 42 -27.26 6.04 9.59
N GLU A 43 -27.80 5.66 8.44
CA GLU A 43 -28.71 4.51 8.37
C GLU A 43 -28.01 3.19 8.63
N TRP A 44 -26.70 3.15 8.42
CA TRP A 44 -25.96 1.91 8.64
C TRP A 44 -25.54 1.73 10.10
N GLN A 45 -25.16 0.50 10.41
CA GLN A 45 -24.74 0.10 11.74
C GLN A 45 -23.23 0.33 11.93
N ALA A 46 -22.87 1.29 12.76
CA ALA A 46 -21.47 1.47 13.12
C ALA A 46 -21.06 0.37 14.08
N LEU A 47 -20.07 -0.45 13.70
CA LEU A 47 -19.67 -1.61 14.51
C LEU A 47 -18.42 -1.34 15.35
N ASP A 48 -17.41 -0.72 14.75
CA ASP A 48 -16.15 -0.47 15.45
C ASP A 48 -15.36 0.58 14.70
N TYR A 49 -14.73 1.48 15.45
CA TYR A 49 -13.78 2.42 14.87
C TYR A 49 -12.60 2.57 15.81
N GLY A 50 -11.39 2.63 15.26
CA GLY A 50 -10.21 2.91 16.05
C GLY A 50 -9.09 3.45 15.18
N LEU A 51 -8.22 4.26 15.77
CA LEU A 51 -7.07 4.85 15.05
C LEU A 51 -5.85 4.97 15.96
N ASP A 52 -4.71 4.45 15.49
CA ASP A 52 -3.43 4.64 16.15
C ASP A 52 -2.57 5.44 15.18
N PHE A 53 -2.56 6.76 15.33
CA PHE A 53 -1.99 7.63 14.31
C PHE A 53 -0.48 7.79 14.47
N ARG A 54 0.28 6.84 13.94
CA ARG A 54 1.74 6.89 13.98
C ARG A 54 2.25 6.03 12.82
N PRO A 55 3.49 6.25 12.37
CA PRO A 55 4.02 5.28 11.40
C PRO A 55 3.97 3.89 12.00
N GLY A 56 3.46 2.91 11.26
CA GLY A 56 3.33 1.55 11.74
C GLY A 56 2.01 1.32 12.45
N GLY A 57 1.25 2.39 12.67
CA GLY A 57 -0.03 2.30 13.35
C GLY A 57 -1.17 1.78 12.51
N THR A 58 -2.24 1.37 13.17
CA THR A 58 -3.38 0.75 12.51
C THR A 58 -4.67 1.56 12.70
N GLU A 59 -5.57 1.45 11.72
CA GLU A 59 -6.88 2.08 11.80
C GLU A 59 -7.92 1.08 11.32
N ARG A 60 -9.09 1.10 11.93
CA ARG A 60 -10.16 0.23 11.48
C ARG A 60 -11.47 0.97 11.49
N ASN A 61 -12.34 0.62 10.57
CA ASN A 61 -13.69 1.17 10.55
C ASN A 61 -14.61 0.10 9.97
N TYR A 62 -15.43 -0.48 10.84
CA TYR A 62 -16.34 -1.53 10.45
C TYR A 62 -17.77 -1.06 10.57
N VAL A 63 -18.55 -1.30 9.51
CA VAL A 63 -19.97 -0.94 9.51
C VAL A 63 -20.78 -2.01 8.78
N ALA A 64 -22.03 -2.21 9.17
CA ALA A 64 -22.88 -3.21 8.51
C ALA A 64 -24.07 -2.54 7.87
N ASP A 65 -24.35 -2.85 6.61
CA ASP A 65 -25.50 -2.24 5.95
C ASP A 65 -26.80 -2.93 6.37
N THR A 66 -27.92 -2.42 5.89
CA THR A 66 -29.20 -2.90 6.37
C THR A 66 -29.47 -4.32 5.90
N ASP A 67 -28.65 -4.82 4.97
CA ASP A 67 -28.73 -6.22 4.55
C ASP A 67 -27.82 -7.08 5.42
N GLY A 68 -27.21 -6.46 6.41
CA GLY A 68 -26.32 -7.17 7.31
C GLY A 68 -24.94 -7.37 6.73
N LEU A 69 -24.69 -6.74 5.59
CA LEU A 69 -23.39 -6.87 4.93
C LEU A 69 -22.33 -6.01 5.60
N LEU A 70 -21.27 -6.66 6.06
CA LEU A 70 -20.15 -5.94 6.67
C LEU A 70 -19.31 -5.22 5.62
N HIS A 71 -19.11 -3.92 5.81
CA HIS A 71 -18.13 -3.18 5.05
C HIS A 71 -16.96 -2.88 5.99
N ALA A 72 -15.80 -3.47 5.71
CA ALA A 72 -14.69 -3.40 6.64
C ALA A 72 -13.52 -2.67 6.01
N TYR A 73 -13.10 -1.60 6.66
CA TYR A 73 -11.90 -0.82 6.30
C TYR A 73 -10.83 -1.12 7.32
N ASP A 74 -9.63 -1.46 6.85
CA ASP A 74 -8.46 -1.64 7.72
C ASP A 74 -7.26 -0.95 7.08
N ALA A 75 -6.56 -0.11 7.84
CA ALA A 75 -5.47 0.68 7.29
C ALA A 75 -4.22 0.49 8.14
N HIS A 76 -3.07 0.64 7.49
CA HIS A 76 -1.77 0.54 8.13
C HIS A 76 -0.99 1.78 7.72
N TYR A 77 -0.68 2.65 8.68
CA TYR A 77 0.02 3.91 8.39
C TYR A 77 1.50 3.71 8.15
N ILE A 78 2.03 4.43 7.17
CA ILE A 78 3.40 4.27 6.74
C ILE A 78 4.24 5.52 6.96
N ASP A 79 3.71 6.67 6.56
CA ASP A 79 4.48 7.92 6.59
C ASP A 79 3.57 9.03 7.10
N ILE A 80 4.06 9.82 8.05
CA ILE A 80 3.28 10.91 8.61
C ILE A 80 4.20 12.11 8.79
N VAL A 81 3.90 13.20 8.10
CA VAL A 81 4.65 14.44 8.28
C VAL A 81 3.65 15.47 8.75
N PRO A 82 3.78 15.94 10.00
CA PRO A 82 2.78 16.85 10.59
C PRO A 82 2.43 18.01 9.67
N ASN A 83 1.13 18.23 9.47
CA ASN A 83 0.63 19.37 8.68
C ASN A 83 1.05 19.31 7.21
N ALA A 84 1.45 18.15 6.73
CA ALA A 84 1.98 18.06 5.37
C ALA A 84 1.61 16.79 4.61
N ARG A 85 1.70 15.63 5.24
CA ARG A 85 1.49 14.39 4.49
C ARG A 85 1.11 13.22 5.36
N ILE A 86 0.21 12.41 4.84
CA ILE A 86 -0.15 11.13 5.46
C ILE A 86 -0.10 10.10 4.34
N ILE A 87 0.61 9.00 4.55
CA ILE A 87 0.57 7.88 3.62
C ILE A 87 0.19 6.62 4.40
N TYR A 88 -0.83 5.92 3.92
CA TYR A 88 -1.21 4.66 4.53
C TYR A 88 -1.63 3.68 3.46
N ALA A 89 -1.51 2.38 3.75
CA ALA A 89 -2.05 1.36 2.88
C ALA A 89 -3.35 0.92 3.52
N TYR A 90 -4.36 0.56 2.72
CA TYR A 90 -5.57 0.01 3.32
C TYR A 90 -6.26 -1.03 2.46
N GLU A 91 -7.10 -1.83 3.10
CA GLU A 91 -7.87 -2.83 2.38
C GLU A 91 -9.33 -2.63 2.70
N LYS A 93 -13.06 -4.85 2.71
CA LYS A 93 -13.76 -6.13 2.55
C LYS A 93 -15.26 -5.89 2.51
N LEU A 94 -15.98 -6.74 1.79
CA LEU A 94 -17.42 -6.80 1.85
C LEU A 94 -17.70 -8.21 2.37
N GLY A 95 -18.24 -8.31 3.58
CA GLY A 95 -18.37 -9.60 4.23
C GLY A 95 -16.99 -10.12 4.55
N GLU A 96 -16.70 -11.34 4.09
CA GLU A 96 -15.37 -11.90 4.27
C GLU A 96 -14.51 -11.75 3.01
N THR A 97 -15.03 -11.09 1.99
CA THR A 97 -14.34 -11.00 0.71
C THR A 97 -13.54 -9.70 0.55
N ARG A 98 -12.22 -9.80 0.44
CA ARG A 98 -11.41 -8.61 0.17
C ARG A 98 -11.67 -8.11 -1.26
N ILE A 99 -12.11 -6.87 -1.41
CA ILE A 99 -12.40 -6.35 -2.73
C ILE A 99 -11.30 -5.43 -3.27
N SER A 100 -10.47 -4.88 -2.37
CA SER A 100 -9.41 -3.98 -2.82
C SER A 100 -8.28 -3.84 -1.81
N ALA A 101 -7.12 -3.42 -2.31
CA ALA A 101 -6.05 -2.90 -1.47
C ALA A 101 -5.57 -1.61 -2.11
N SER A 102 -5.09 -0.66 -1.30
CA SER A 102 -4.70 0.65 -1.83
C SER A 102 -3.50 1.20 -1.08
N LEU A 103 -2.72 2.02 -1.77
CA LEU A 103 -1.78 2.92 -1.13
C LEU A 103 -2.37 4.32 -1.30
N THR A 104 -2.59 5.02 -0.20
CA THR A 104 -3.17 6.36 -0.26
C THR A 104 -2.17 7.41 0.23
N THR A 105 -2.03 8.48 -0.54
CA THR A 105 -1.20 9.61 -0.16
C THR A 105 -2.09 10.83 0.01
N VAL A 106 -2.07 11.44 1.19
CA VAL A 106 -2.82 12.67 1.40
C VAL A 106 -1.85 13.80 1.66
N ALA A 107 -1.77 14.74 0.73
CA ALA A 107 -0.84 15.87 0.87
C ALA A 107 -1.62 17.13 1.24
N PHE A 108 -1.05 17.92 2.17
CA PHE A 108 -1.72 19.10 2.70
C PHE A 108 -0.82 20.29 2.46
N GLU A 109 -1.40 21.38 1.98
CA GLU A 109 -0.63 22.60 1.71
C GLU A 109 -1.44 23.84 2.11
N ALA A 110 -0.84 24.71 2.93
CA ALA A 110 -1.52 25.97 3.24
C ALA A 110 -1.60 26.85 1.98
N GLU A 111 -2.71 27.55 1.81
CA GLU A 111 -2.85 28.55 0.76
C GLU A 111 -3.62 29.73 1.32
N PRO A 112 -3.64 30.86 0.60
CA PRO A 112 -4.34 32.00 1.19
C PRO A 112 -5.77 31.60 1.50
N GLY A 113 -6.23 31.83 2.72
CA GLY A 113 -7.60 31.50 3.05
C GLY A 113 -7.97 30.03 3.08
N GLY A 114 -6.99 29.15 3.23
CA GLY A 114 -7.33 27.79 3.60
C GLY A 114 -6.26 26.75 3.37
N THR A 115 -6.71 25.56 2.97
CA THR A 115 -5.83 24.42 2.77
C THR A 115 -6.14 23.73 1.47
N LYS A 116 -5.10 23.45 0.69
CA LYS A 116 -5.22 22.58 -0.48
C LYS A 116 -4.89 21.16 -0.05
N VAL A 118 -4.47 17.23 -1.55
CA VAL A 118 -4.43 16.33 -2.70
C VAL A 118 -4.41 14.90 -2.21
N PHE A 119 -5.43 14.15 -2.59
CA PHE A 119 -5.64 12.79 -2.11
C PHE A 119 -5.43 11.88 -3.30
N THR A 120 -4.35 11.11 -3.28
CA THR A 120 -4.02 10.19 -4.38
C THR A 120 -4.18 8.76 -3.88
N GLU A 121 -5.04 7.99 -4.54
CA GLU A 121 -5.18 6.59 -4.16
C GLU A 121 -4.73 5.68 -5.30
N GLN A 122 -3.73 4.85 -5.02
CA GLN A 122 -3.29 3.85 -5.98
C GLN A 122 -3.93 2.54 -5.53
N VAL A 123 -4.85 2.01 -6.33
CA VAL A 123 -5.70 0.93 -5.84
C VAL A 123 -5.61 -0.30 -6.75
N VAL A 124 -5.85 -1.47 -6.17
CA VAL A 124 -6.06 -2.68 -6.95
C VAL A 124 -7.40 -3.29 -6.55
N PHE A 125 -8.27 -3.53 -7.53
CA PHE A 125 -9.57 -4.16 -7.30
C PHE A 125 -9.45 -5.64 -7.65
N LEU A 126 -10.05 -6.49 -6.83
CA LEU A 126 -9.74 -7.91 -6.90
C LEU A 126 -10.89 -8.78 -7.38
N ASP A 127 -10.55 -9.78 -8.18
CA ASP A 127 -11.43 -10.93 -8.41
C ASP A 127 -12.81 -10.57 -8.94
N GLY A 128 -12.87 -9.61 -9.85
CA GLY A 128 -14.13 -9.31 -10.50
C GLY A 128 -14.96 -8.23 -9.82
N TYR A 129 -14.51 -7.75 -8.66
CA TYR A 129 -15.20 -6.63 -8.03
C TYR A 129 -15.19 -5.45 -9.00
N ALA A 130 -16.36 -4.87 -9.23
CA ALA A 130 -16.47 -3.76 -10.19
C ALA A 130 -16.69 -2.44 -9.46
N ASP A 131 -15.72 -1.55 -9.56
CA ASP A 131 -15.76 -0.27 -8.84
C ASP A 131 -16.81 0.70 -9.38
N ASN A 132 -16.69 1.04 -10.66
CA ASN A 132 -17.63 1.96 -11.30
C ASN A 132 -18.00 3.20 -10.49
N GLY A 133 -16.98 3.90 -9.97
CA GLY A 133 -17.19 5.17 -9.32
C GLY A 133 -17.39 5.09 -7.82
N ALA A 134 -17.50 3.88 -7.28
CA ALA A 134 -17.74 3.72 -5.85
C ALA A 134 -16.62 4.35 -5.03
N ARG A 135 -15.38 4.07 -5.40
CA ARG A 135 -14.24 4.49 -4.59
C ARG A 135 -14.12 6.02 -4.53
N LEU A 136 -14.12 6.65 -5.70
CA LEU A 136 -14.07 8.10 -5.74
C LEU A 136 -15.24 8.72 -4.98
N GLN A 137 -16.45 8.20 -5.19
CA GLN A 137 -17.66 8.77 -4.58
C GLN A 137 -17.66 8.59 -3.06
N GLY A 138 -17.23 7.42 -2.60
CA GLY A 138 -17.12 7.15 -1.18
C GLY A 138 -16.09 8.05 -0.51
N THR A 139 -14.97 8.25 -1.19
CA THR A 139 -13.93 9.14 -0.68
C THR A 139 -14.42 10.58 -0.59
N GLU A 140 -15.19 11.02 -1.59
CA GLU A 140 -15.74 12.39 -1.59
C GLU A 140 -16.77 12.60 -0.49
N ILE A 141 -17.54 11.55 -0.20
CA ILE A 141 -18.52 11.64 0.89
C ILE A 141 -17.78 11.90 2.18
N GLY A 142 -16.69 11.18 2.37
CA GLY A 142 -15.84 11.35 3.53
C GLY A 142 -15.37 12.80 3.60
N LEU A 143 -14.86 13.32 2.49
CA LEU A 143 -14.32 14.68 2.48
C LEU A 143 -15.42 15.73 2.68
N ASP A 144 -16.61 15.43 2.20
CA ASP A 144 -17.77 16.28 2.45
C ASP A 144 -18.00 16.41 3.93
N ASN A 145 -17.92 15.28 4.61
CA ASN A 145 -18.13 15.24 6.05
C ASN A 145 -17.00 15.88 6.85
N LEU A 146 -15.79 15.70 6.35
CA LEU A 146 -14.64 16.41 6.91
C LEU A 146 -14.91 17.91 6.85
N GLU A 147 -15.33 18.38 5.69
CA GLU A 147 -15.58 19.80 5.49
C GLU A 147 -16.62 20.30 6.47
N LEU A 148 -17.71 19.55 6.62
CA LEU A 148 -18.77 19.93 7.54
C LEU A 148 -18.27 19.93 8.99
N PHE A 149 -17.52 18.90 9.35
CA PHE A 149 -16.89 18.85 10.65
C PHE A 149 -16.09 20.12 10.94
N LEU A 150 -15.29 20.55 9.97
CA LEU A 150 -14.45 21.74 10.14
C LEU A 150 -15.27 23.01 10.25
N GLU A 151 -16.41 23.04 9.58
CA GLU A 151 -17.30 24.19 9.67
C GLU A 151 -17.97 24.25 11.04
N ARG A 152 -18.27 23.09 11.60
CA ARG A 152 -18.94 23.01 12.89
C ARG A 152 -18.04 23.44 14.04
N GLU A 153 -16.73 23.30 13.85
CA GLU A 153 -15.77 23.66 14.89
C GLU A 153 -15.78 25.16 15.16
N GLU A 154 -15.93 25.94 14.09
CA GLU A 154 -15.86 27.40 14.14
C GLU A 154 -14.40 27.87 14.21
N THR B 2 12.47 21.22 5.50
CA THR B 2 12.51 20.27 4.39
C THR B 2 11.29 20.48 3.48
N ILE B 3 11.55 20.61 2.18
CA ILE B 3 10.46 20.76 1.22
C ILE B 3 9.82 19.40 0.94
N ARG B 4 8.53 19.29 1.22
CA ARG B 4 7.82 18.05 1.06
C ARG B 4 7.19 17.94 -0.32
N SER B 5 7.33 16.76 -0.92
CA SER B 5 6.71 16.50 -2.21
C SER B 5 6.54 15.00 -2.39
N ALA B 6 5.74 14.63 -3.37
CA ALA B 6 5.48 13.23 -3.67
C ALA B 6 5.27 13.04 -5.16
N GLU B 7 5.84 11.98 -5.72
CA GLU B 7 5.70 11.70 -7.13
C GLU B 7 5.23 10.27 -7.27
N HIS B 8 4.11 10.05 -7.96
CA HIS B 8 3.53 8.71 -8.06
C HIS B 8 3.79 8.08 -9.41
N ALA B 9 3.89 6.75 -9.43
CA ALA B 9 4.10 6.04 -10.68
C ALA B 9 3.59 4.64 -10.53
N THR B 10 3.22 4.02 -11.66
CA THR B 10 2.91 2.59 -11.67
C THR B 10 3.88 1.86 -12.61
N LEU B 11 4.52 0.80 -12.11
CA LEU B 11 5.47 0.04 -12.90
C LEU B 11 4.89 -1.34 -13.14
N VAL B 12 5.04 -1.88 -14.35
CA VAL B 12 4.56 -3.22 -14.61
C VAL B 12 5.61 -4.07 -15.30
N ILE B 13 5.85 -5.26 -14.76
CA ILE B 13 6.79 -6.20 -15.36
C ILE B 13 6.11 -7.54 -15.60
N GLU B 14 6.20 -8.06 -16.82
CA GLU B 14 5.62 -9.37 -17.12
C GLU B 14 6.77 -10.34 -17.42
N ARG B 15 6.74 -11.52 -16.82
CA ARG B 15 7.78 -12.52 -17.05
C ARG B 15 7.13 -13.86 -17.30
N HIS B 16 7.76 -14.66 -18.15
CA HIS B 16 7.30 -16.00 -18.44
C HIS B 16 8.36 -16.98 -17.97
N LEU B 17 8.06 -17.68 -16.87
CA LEU B 17 9.03 -18.57 -16.25
C LEU B 17 8.83 -20.01 -16.69
N LYS B 18 9.94 -20.71 -16.95
CA LYS B 18 9.91 -22.12 -17.30
C LYS B 18 9.93 -22.97 -16.03
N ALA B 19 8.86 -22.88 -15.27
CA ALA B 19 8.73 -23.63 -14.04
C ALA B 19 7.23 -23.68 -13.68
N PRO B 20 6.81 -24.76 -13.01
CA PRO B 20 5.39 -24.88 -12.68
C PRO B 20 4.98 -23.86 -11.62
N ILE B 21 3.72 -23.44 -11.66
CA ILE B 21 3.26 -22.32 -10.85
C ILE B 21 3.48 -22.55 -9.34
N ALA B 22 3.25 -23.77 -8.88
CA ALA B 22 3.43 -24.04 -7.44
C ALA B 22 4.89 -23.88 -7.03
N ARG B 23 5.81 -24.23 -7.93
CA ARG B 23 7.22 -24.10 -7.56
C ARG B 23 7.66 -22.64 -7.57
N VAL B 24 7.16 -21.87 -8.54
CA VAL B 24 7.43 -20.44 -8.58
C VAL B 24 6.89 -19.79 -7.30
N PHE B 25 5.69 -20.16 -6.90
CA PHE B 25 5.11 -19.55 -5.71
C PHE B 25 5.89 -19.90 -4.45
N ARG B 26 6.38 -21.13 -4.34
CA ARG B 26 7.16 -21.54 -3.18
C ARG B 26 8.43 -20.69 -3.05
N ALA B 27 8.93 -20.19 -4.17
CA ALA B 27 10.11 -19.34 -4.13
C ALA B 27 9.82 -18.04 -3.40
N TRP B 28 8.53 -17.69 -3.31
CA TRP B 28 8.08 -16.50 -2.58
C TRP B 28 7.65 -16.82 -1.16
N SER B 29 7.04 -18.00 -0.98
CA SER B 29 6.44 -18.33 0.32
C SER B 29 7.44 -18.89 1.33
N ALA B 30 8.52 -19.50 0.84
CA ALA B 30 9.51 -20.14 1.71
C ALA B 30 10.64 -19.17 2.06
N PRO B 31 10.87 -18.93 3.35
CA PRO B 31 11.86 -17.93 3.75
C PRO B 31 13.23 -18.29 3.20
N GLU B 32 13.62 -19.57 3.25
CA GLU B 32 14.96 -19.94 2.78
C GLU B 32 15.14 -19.57 1.30
N ALA B 33 14.11 -19.82 0.51
CA ALA B 33 14.17 -19.53 -0.93
C ALA B 33 14.10 -18.03 -1.20
N LYS B 34 13.12 -17.37 -0.63
CA LYS B 34 12.97 -15.92 -0.85
C LYS B 34 14.26 -15.19 -0.43
N ARG B 35 14.86 -15.62 0.67
CA ARG B 35 16.09 -14.97 1.12
C ARG B 35 17.16 -15.11 0.06
N GLN B 36 17.24 -16.29 -0.53
CA GLN B 36 18.32 -16.59 -1.48
C GLN B 36 18.29 -15.73 -2.73
N TRP B 37 17.11 -15.56 -3.32
CA TRP B 37 17.07 -14.86 -4.61
C TRP B 37 16.76 -13.39 -4.47
N PHE B 38 16.05 -13.02 -3.43
CA PHE B 38 15.59 -11.64 -3.28
C PHE B 38 16.55 -10.80 -2.45
N ALA B 39 17.06 -11.39 -1.37
CA ALA B 39 17.84 -10.63 -0.41
C ALA B 39 19.35 -10.80 -0.58
N CYS B 40 19.77 -11.96 -1.07
CA CYS B 40 21.18 -12.17 -1.42
C CYS B 40 21.40 -11.75 -2.86
N HIS B 41 21.70 -10.47 -3.07
CA HIS B 41 22.03 -10.01 -4.41
C HIS B 41 23.54 -10.01 -4.65
N GLY B 42 24.06 -11.18 -4.97
CA GLY B 42 25.47 -11.35 -5.27
C GLY B 42 26.22 -12.21 -4.28
N GLU B 43 27.55 -12.15 -4.36
CA GLU B 43 28.45 -12.84 -3.45
C GLU B 43 28.23 -12.37 -2.01
N TRP B 44 27.38 -11.36 -1.85
CA TRP B 44 27.07 -10.82 -0.54
C TRP B 44 25.76 -11.36 -0.01
N GLN B 45 25.82 -12.16 1.04
CA GLN B 45 24.61 -12.75 1.58
C GLN B 45 23.79 -11.74 2.39
N ALA B 46 22.50 -12.00 2.51
CA ALA B 46 21.64 -11.18 3.33
C ALA B 46 22.07 -11.32 4.79
N LEU B 47 22.40 -10.20 5.42
CA LEU B 47 22.83 -10.22 6.81
C LEU B 47 21.66 -10.06 7.79
N ASP B 48 20.52 -9.59 7.30
CA ASP B 48 19.40 -9.25 8.19
C ASP B 48 18.09 -9.36 7.45
N TYR B 49 17.48 -10.54 7.51
CA TYR B 49 16.31 -10.86 6.73
C TYR B 49 15.26 -11.52 7.62
N GLY B 50 14.00 -11.18 7.42
CA GLY B 50 12.95 -11.86 8.18
C GLY B 50 11.68 -11.95 7.35
N LEU B 51 10.90 -13.02 7.57
CA LEU B 51 9.69 -13.26 6.82
C LEU B 51 8.64 -13.93 7.69
N ASP B 52 7.44 -13.34 7.70
CA ASP B 52 6.25 -13.94 8.28
C ASP B 52 5.20 -13.89 7.17
N PHE B 53 5.10 -14.98 6.42
CA PHE B 53 4.39 -14.98 5.14
C PHE B 53 2.92 -15.40 5.33
N ARG B 54 2.07 -14.39 5.50
CA ARG B 54 0.63 -14.59 5.68
C ARG B 54 -0.01 -13.22 5.54
N PRO B 55 -1.32 -13.17 5.23
CA PRO B 55 -1.97 -11.85 5.27
C PRO B 55 -1.86 -11.30 6.69
N GLY B 56 -1.52 -10.02 6.82
CA GLY B 56 -1.24 -9.42 8.12
C GLY B 56 0.19 -9.64 8.58
N GLY B 57 0.98 -10.33 7.75
CA GLY B 57 2.35 -10.64 8.07
C GLY B 57 3.33 -9.57 7.56
N THR B 58 4.63 -9.86 7.60
CA THR B 58 5.63 -8.85 7.32
CA THR B 58 5.63 -8.85 7.27
C THR B 58 6.87 -9.48 6.69
N GLU B 59 7.73 -8.64 6.12
CA GLU B 59 9.01 -9.08 5.59
C GLU B 59 9.99 -7.95 5.84
N ARG B 60 11.24 -8.29 6.10
CA ARG B 60 12.23 -7.27 6.41
C ARG B 60 13.52 -7.67 5.73
N ASN B 61 14.21 -6.70 5.14
CA ASN B 61 15.55 -6.95 4.65
C ASN B 61 16.37 -5.68 4.79
N TYR B 62 17.30 -5.69 5.73
CA TYR B 62 18.13 -4.52 5.97
C TYR B 62 19.53 -4.81 5.50
N VAL B 63 20.04 -3.93 4.64
CA VAL B 63 21.32 -4.15 3.97
C VAL B 63 22.18 -2.90 4.09
N ALA B 64 23.43 -3.06 4.52
CA ALA B 64 24.41 -1.98 4.44
C ALA B 64 25.13 -2.07 3.10
N ASP B 65 25.09 -1.01 2.31
CA ASP B 65 25.74 -1.07 0.99
C ASP B 65 27.24 -0.91 1.12
N THR B 66 27.95 -0.95 -0.01
CA THR B 66 29.41 -0.87 -0.02
C THR B 66 29.92 0.31 0.81
N ASP B 67 29.17 1.41 0.80
CA ASP B 67 29.60 2.64 1.47
C ASP B 67 29.10 2.76 2.89
N GLY B 68 28.43 1.73 3.41
CA GLY B 68 27.93 1.76 4.76
C GLY B 68 26.53 2.35 4.92
N LEU B 69 25.90 2.71 3.82
CA LEU B 69 24.55 3.26 3.90
C LEU B 69 23.52 2.15 4.09
N LEU B 70 22.66 2.32 5.09
CA LEU B 70 21.58 1.37 5.34
C LEU B 70 20.44 1.50 4.32
N HIS B 71 20.15 0.41 3.63
CA HIS B 71 18.96 0.31 2.79
C HIS B 71 17.98 -0.58 3.55
N ALA B 72 16.93 0.03 4.09
CA ALA B 72 16.00 -0.66 4.97
C ALA B 72 14.69 -0.90 4.27
N TYR B 73 14.44 -2.16 3.93
CA TYR B 73 13.19 -2.56 3.29
C TYR B 73 12.31 -3.23 4.33
N ASP B 74 11.05 -2.79 4.41
CA ASP B 74 10.02 -3.39 5.27
C ASP B 74 8.74 -3.52 4.49
N ALA B 75 8.13 -4.70 4.56
CA ALA B 75 6.88 -4.93 3.85
C ALA B 75 5.83 -5.49 4.78
N HIS B 76 4.57 -5.22 4.45
CA HIS B 76 3.44 -5.72 5.21
C HIS B 76 2.50 -6.42 4.23
N TYR B 77 2.23 -7.70 4.45
CA TYR B 77 1.38 -8.47 3.54
C TYR B 77 -0.10 -8.18 3.76
N ILE B 78 -0.83 -8.02 2.66
CA ILE B 78 -2.27 -7.72 2.73
C ILE B 78 -3.13 -8.88 2.20
N ASP B 79 -2.72 -9.46 1.09
CA ASP B 79 -3.52 -10.48 0.40
C ASP B 79 -2.58 -11.57 -0.10
N ILE B 80 -2.89 -12.82 0.20
CA ILE B 80 -2.09 -13.93 -0.31
C ILE B 80 -3.03 -15.04 -0.74
N VAL B 81 -3.07 -15.31 -2.03
CA VAL B 81 -3.88 -16.42 -2.52
C VAL B 81 -2.87 -17.46 -2.99
N PRO B 82 -2.85 -18.62 -2.33
CA PRO B 82 -1.82 -19.61 -2.66
C PRO B 82 -1.73 -19.88 -4.16
N ASN B 83 -0.51 -19.83 -4.68
CA ASN B 83 -0.25 -20.12 -6.08
C ASN B 83 -0.95 -19.19 -7.06
N ALA B 84 -1.35 -18.00 -6.61
CA ALA B 84 -2.09 -17.10 -7.50
C ALA B 84 -1.79 -15.62 -7.29
N ARG B 85 -1.65 -15.17 -6.05
CA ARG B 85 -1.45 -13.73 -5.85
C ARG B 85 -0.80 -13.41 -4.52
N ILE B 86 0.02 -12.36 -4.53
CA ILE B 86 0.60 -11.80 -3.32
C ILE B 86 0.49 -10.29 -3.45
N ILE B 87 -0.10 -9.64 -2.45
CA ILE B 87 -0.14 -8.18 -2.40
C ILE B 87 0.46 -7.71 -1.09
N TYR B 88 1.41 -6.79 -1.17
CA TYR B 88 2.01 -6.22 0.03
C TYR B 88 2.32 -4.75 -0.17
N ALA B 89 2.27 -3.98 0.92
CA ALA B 89 2.75 -2.60 0.88
C ALA B 89 4.16 -2.66 1.41
N TYR B 90 5.03 -1.81 0.91
CA TYR B 90 6.36 -1.75 1.49
C TYR B 90 6.93 -0.36 1.46
N GLU B 91 7.99 -0.15 2.22
CA GLU B 91 8.67 1.14 2.25
C GLU B 91 10.15 0.89 2.13
N LYS B 93 13.83 2.89 3.20
CA LYS B 93 14.54 4.01 3.81
C LYS B 93 16.01 3.91 3.43
N LEU B 94 16.65 5.05 3.21
CA LEU B 94 18.11 5.12 3.12
C LEU B 94 18.54 5.84 4.38
N GLY B 95 19.25 5.15 5.26
CA GLY B 95 19.51 5.67 6.59
C GLY B 95 18.19 5.74 7.33
N GLU B 96 17.89 6.89 7.92
CA GLU B 96 16.60 7.07 8.59
C GLU B 96 15.59 7.82 7.72
N THR B 97 15.95 8.06 6.47
CA THR B 97 15.07 8.81 5.58
C THR B 97 14.24 7.91 4.68
N ARG B 98 12.92 7.94 4.84
CA ARG B 98 12.03 7.22 3.93
C ARG B 98 12.06 7.84 2.53
N ILE B 99 12.37 7.04 1.51
CA ILE B 99 12.41 7.56 0.14
C ILE B 99 11.19 7.16 -0.68
N SER B 100 10.51 6.09 -0.30
CA SER B 100 9.36 5.62 -1.08
C SER B 100 8.44 4.74 -0.25
N ALA B 101 7.19 4.60 -0.70
CA ALA B 101 6.23 3.65 -0.19
C ALA B 101 5.56 3.06 -1.43
N SER B 102 5.14 1.81 -1.36
CA SER B 102 4.60 1.16 -2.55
C SER B 102 3.53 0.13 -2.19
N LEU B 103 2.63 -0.12 -3.13
CA LEU B 103 1.72 -1.27 -3.09
C LEU B 103 2.13 -2.17 -4.24
N THR B 104 2.50 -3.42 -3.93
CA THR B 104 2.97 -4.33 -4.95
C THR B 104 1.97 -5.47 -5.12
N THR B 105 1.62 -5.76 -6.36
CA THR B 105 0.77 -6.91 -6.67
C THR B 105 1.59 -7.89 -7.47
N VAL B 106 1.66 -9.14 -7.01
CA VAL B 106 2.33 -10.15 -7.80
C VAL B 106 1.30 -11.23 -8.14
N ALA B 107 1.00 -11.38 -9.43
CA ALA B 107 -0.01 -12.35 -9.87
C ALA B 107 0.66 -13.46 -10.66
N PHE B 108 0.21 -14.69 -10.41
CA PHE B 108 0.82 -15.89 -11.00
C PHE B 108 -0.26 -16.72 -11.69
N GLU B 109 0.06 -17.31 -12.83
CA GLU B 109 -0.86 -18.28 -13.44
C GLU B 109 -0.13 -19.30 -14.30
N ALA B 110 -0.54 -20.55 -14.19
CA ALA B 110 0.00 -21.60 -15.05
C ALA B 110 -0.31 -21.28 -16.50
N GLU B 111 0.66 -21.50 -17.37
CA GLU B 111 0.45 -21.42 -18.81
C GLU B 111 1.23 -22.56 -19.45
N PRO B 112 0.93 -22.89 -20.72
CA PRO B 112 1.70 -23.95 -21.35
C PRO B 112 3.19 -23.69 -21.21
N GLY B 113 3.93 -24.68 -20.73
CA GLY B 113 5.37 -24.55 -20.62
C GLY B 113 5.87 -24.02 -19.28
N GLY B 114 5.02 -23.30 -18.55
CA GLY B 114 5.45 -22.80 -17.25
C GLY B 114 4.48 -21.87 -16.56
N THR B 115 4.98 -20.71 -16.15
CA THR B 115 4.22 -19.76 -15.35
C THR B 115 4.29 -18.35 -15.93
N LYS B 116 3.15 -17.68 -16.01
CA LYS B 116 3.12 -16.26 -16.33
C LYS B 116 3.00 -15.47 -15.03
N VAL B 118 2.92 -11.49 -13.44
CA VAL B 118 2.82 -10.05 -13.67
C VAL B 118 3.07 -9.33 -12.34
N PHE B 119 4.11 -8.50 -12.32
CA PHE B 119 4.52 -7.78 -11.13
C PHE B 119 4.17 -6.31 -11.32
N THR B 120 3.26 -5.80 -10.50
CA THR B 120 2.82 -4.41 -10.59
C THR B 120 3.21 -3.69 -9.32
N GLU B 121 3.90 -2.57 -9.45
CA GLU B 121 4.23 -1.76 -8.29
C GLU B 121 3.70 -0.35 -8.47
N GLN B 122 2.84 0.07 -7.53
CA GLN B 122 2.31 1.41 -7.51
C GLN B 122 3.09 2.12 -6.42
N VAL B 123 3.88 3.12 -6.80
CA VAL B 123 4.89 3.66 -5.89
C VAL B 123 4.74 5.17 -5.74
N VAL B 124 5.14 5.67 -4.59
CA VAL B 124 5.26 7.11 -4.40
C VAL B 124 6.67 7.39 -3.90
N PHE B 125 7.38 8.27 -4.60
CA PHE B 125 8.72 8.69 -4.18
C PHE B 125 8.61 10.01 -3.44
N LEU B 126 9.39 10.17 -2.37
CA LEU B 126 9.18 11.27 -1.44
C LEU B 126 10.27 12.35 -1.42
N ASP B 127 9.84 13.61 -1.36
CA ASP B 127 10.69 14.72 -0.96
C ASP B 127 11.96 14.88 -1.80
N GLY B 128 11.80 14.72 -3.10
CA GLY B 128 12.87 15.02 -4.03
C GLY B 128 13.84 13.90 -4.29
N TYR B 129 13.62 12.74 -3.67
CA TYR B 129 14.45 11.60 -3.99
C TYR B 129 14.29 11.32 -5.49
N ALA B 130 15.41 11.24 -6.19
CA ALA B 130 15.38 11.05 -7.63
C ALA B 130 15.58 9.58 -7.96
N ASP B 131 14.47 8.91 -8.30
CA ASP B 131 14.49 7.50 -8.62
C ASP B 131 15.31 7.24 -9.88
N ASN B 132 15.01 7.99 -10.93
CA ASN B 132 15.74 7.90 -12.20
C ASN B 132 15.81 6.47 -12.72
N GLY B 133 14.70 5.76 -12.55
CA GLY B 133 14.55 4.44 -13.13
C GLY B 133 15.17 3.33 -12.29
N ALA B 134 15.68 3.67 -11.11
CA ALA B 134 16.33 2.67 -10.27
C ALA B 134 15.35 1.59 -9.78
N ARG B 135 14.13 2.00 -9.46
CA ARG B 135 13.15 1.05 -8.92
C ARG B 135 12.79 -0.03 -9.95
N LEU B 136 12.50 0.40 -11.17
CA LEU B 136 12.21 -0.55 -12.24
C LEU B 136 13.41 -1.46 -12.52
N GLN B 137 14.60 -0.87 -12.56
CA GLN B 137 15.80 -1.65 -12.85
C GLN B 137 16.07 -2.67 -11.75
N GLY B 138 15.97 -2.22 -10.49
CA GLY B 138 16.17 -3.11 -9.37
C GLY B 138 15.19 -4.28 -9.38
N THR B 139 13.94 -3.99 -9.73
CA THR B 139 12.91 -5.01 -9.75
C THR B 139 13.15 -6.02 -10.86
N GLU B 140 13.57 -5.54 -12.02
CA GLU B 140 13.87 -6.40 -13.15
C GLU B 140 14.99 -7.35 -12.80
N ILE B 141 16.03 -6.82 -12.17
CA ILE B 141 17.17 -7.64 -11.78
C ILE B 141 16.77 -8.65 -10.72
N GLY B 142 15.91 -8.22 -9.79
CA GLY B 142 15.39 -9.12 -8.78
C GLY B 142 14.70 -10.32 -9.40
N LEU B 143 13.85 -10.07 -10.39
CA LEU B 143 13.12 -11.13 -11.03
C LEU B 143 14.03 -11.99 -11.92
N ASP B 144 15.08 -11.39 -12.47
CA ASP B 144 16.13 -12.17 -13.14
C ASP B 144 16.74 -13.16 -12.15
N ASN B 145 16.95 -12.71 -10.92
CA ASN B 145 17.55 -13.58 -9.93
C ASN B 145 16.58 -14.69 -9.51
N LEU B 146 15.29 -14.36 -9.49
CA LEU B 146 14.27 -15.37 -9.24
C LEU B 146 14.36 -16.46 -10.29
N GLU B 147 14.40 -16.05 -11.56
CA GLU B 147 14.52 -17.03 -12.63
C GLU B 147 15.79 -17.89 -12.49
N LEU B 148 16.92 -17.28 -12.16
CA LEU B 148 18.14 -18.05 -11.96
C LEU B 148 17.97 -19.07 -10.83
N PHE B 149 17.31 -18.64 -9.75
CA PHE B 149 17.05 -19.52 -8.62
C PHE B 149 16.22 -20.74 -9.02
N LEU B 150 15.17 -20.51 -9.80
CA LEU B 150 14.30 -21.58 -10.25
C LEU B 150 15.04 -22.57 -11.14
N GLU B 151 16.01 -22.07 -11.91
CA GLU B 151 16.83 -22.93 -12.75
C GLU B 151 17.75 -23.83 -11.94
N ARG B 152 18.37 -23.26 -10.91
CA ARG B 152 19.34 -23.99 -10.10
C ARG B 152 18.70 -25.13 -9.35
N GLU B 153 17.40 -25.00 -9.07
CA GLU B 153 16.69 -25.96 -8.24
C GLU B 153 16.78 -27.38 -8.78
#